data_7PLN
#
_entry.id   7PLN
#
_cell.length_a   73.740
_cell.length_b   42.020
_cell.length_c   87.220
_cell.angle_alpha   90.000
_cell.angle_beta   104.950
_cell.angle_gamma   90.000
#
_symmetry.space_group_name_H-M   'P 1 21 1'
#
_entity_poly.entity_id   1
_entity_poly.type   'polypeptide(L)'
_entity_poly.pdbx_seq_one_letter_code
;ETGKDIVKILTASTTVTKTGPPPISAECPHNMVVLFGFVVKQNFWDHTNKLQSYEMEICESGASSCTSKQGNTNKYDVSY
TYIECGPQALPFTEQVVSVSGTTYNSVKCPNDYSVLFGFGMATSSGRHQSALYSYFTPCRPGLKSCSLNMNEHDDKSYIY
LVCVDATIWTGLNALSMIAKDDLHSAVNRYQQFNDGELVVTCPSEGTILTGFYGETHTSSPYVTVPFGKCAKSLKACSVH
GSGQAIGIHNYRTLFTVALCKNNKTHHHHHH
;
_entity_poly.pdbx_strand_id   A,B
#
# COMPACT_ATOMS: atom_id res chain seq x y z
N LYS A 4 -9.56 -28.78 10.85
CA LYS A 4 -8.28 -28.56 11.52
C LYS A 4 -7.77 -27.13 11.30
N ASP A 5 -7.55 -26.40 12.41
CA ASP A 5 -7.14 -24.99 12.41
C ASP A 5 -5.66 -24.87 12.13
N ILE A 6 -5.33 -24.38 10.93
CA ILE A 6 -3.95 -24.32 10.52
C ILE A 6 -3.17 -23.30 11.34
N VAL A 7 -3.86 -22.26 11.82
CA VAL A 7 -3.25 -21.34 12.78
C VAL A 7 -2.65 -22.12 13.93
N LYS A 8 -3.52 -22.85 14.62
CA LYS A 8 -3.14 -23.60 15.81
C LYS A 8 -1.84 -24.34 15.57
N ILE A 9 -1.71 -24.99 14.41
CA ILE A 9 -0.56 -25.83 14.19
C ILE A 9 0.61 -25.07 13.60
N LEU A 10 0.37 -23.86 13.09
CA LEU A 10 1.45 -23.04 12.57
C LEU A 10 2.11 -22.23 13.67
N THR A 11 1.47 -22.15 14.83
CA THR A 11 2.10 -21.52 15.98
C THR A 11 2.98 -22.48 16.76
N ALA A 12 2.61 -23.76 16.84
CA ALA A 12 3.43 -24.78 17.46
C ALA A 12 4.31 -25.51 16.46
N SER A 13 4.34 -25.07 15.20
CA SER A 13 5.39 -25.46 14.27
C SER A 13 6.65 -24.62 14.53
N THR A 14 7.74 -24.93 13.80
CA THR A 14 9.05 -24.35 14.12
C THR A 14 9.81 -23.96 12.85
N THR A 15 9.77 -22.67 12.50
CA THR A 15 10.50 -22.17 11.33
C THR A 15 11.99 -22.47 11.46
N VAL A 16 12.63 -22.75 10.32
CA VAL A 16 14.06 -23.07 10.26
C VAL A 16 14.65 -22.43 9.00
N THR A 17 15.67 -21.58 9.16
CA THR A 17 16.32 -20.90 8.04
C THR A 17 17.81 -21.20 7.99
N LYS A 18 18.39 -21.23 6.79
CA LYS A 18 19.83 -21.39 6.67
C LYS A 18 20.37 -20.74 5.40
N THR A 19 21.44 -19.92 5.55
CA THR A 19 22.13 -19.30 4.43
C THR A 19 23.62 -19.65 4.47
N GLY A 20 24.19 -19.81 3.27
CA GLY A 20 25.58 -20.13 3.10
C GLY A 20 25.84 -20.72 1.72
N PRO A 21 27.11 -20.82 1.35
CA PRO A 21 27.45 -21.43 0.05
C PRO A 21 27.28 -22.93 0.13
N PRO A 22 27.52 -23.67 -0.96
CA PRO A 22 27.46 -25.13 -0.87
C PRO A 22 28.35 -25.64 0.25
N PRO A 23 27.87 -26.55 1.10
CA PRO A 23 26.56 -27.22 1.11
C PRO A 23 25.61 -26.80 2.24
N ILE A 24 24.38 -26.47 1.86
CA ILE A 24 23.35 -26.02 2.79
C ILE A 24 22.14 -26.93 2.59
N SER A 25 21.90 -27.82 3.55
CA SER A 25 20.59 -28.46 3.73
C SER A 25 20.20 -28.17 5.17
N ALA A 26 19.25 -27.25 5.34
CA ALA A 26 18.70 -27.00 6.66
C ALA A 26 17.93 -28.21 7.15
N GLU A 27 18.18 -28.61 8.40
CA GLU A 27 17.63 -29.84 8.94
C GLU A 27 16.50 -29.54 9.92
N CYS A 28 15.96 -30.59 10.51
CA CYS A 28 14.79 -30.41 11.35
C CYS A 28 14.92 -31.13 12.69
N PRO A 29 14.18 -30.65 13.70
CA PRO A 29 14.32 -31.22 15.06
C PRO A 29 13.88 -32.67 15.20
N HIS A 30 13.93 -33.21 16.43
CA HIS A 30 13.71 -34.64 16.67
C HIS A 30 12.31 -35.02 16.24
N ASN A 31 12.23 -35.92 15.25
CA ASN A 31 10.97 -36.50 14.79
C ASN A 31 10.06 -35.45 14.17
N MET A 32 10.46 -34.17 14.15
CA MET A 32 9.75 -33.13 13.41
C MET A 32 9.93 -33.34 11.90
N VAL A 33 8.95 -32.88 11.11
CA VAL A 33 8.94 -33.08 9.65
C VAL A 33 8.59 -31.80 8.90
N VAL A 34 9.22 -31.65 7.73
CA VAL A 34 9.03 -30.52 6.82
C VAL A 34 7.57 -30.48 6.36
N LEU A 35 6.77 -29.59 6.94
CA LEU A 35 5.46 -29.33 6.33
C LEU A 35 5.64 -28.72 4.95
N PHE A 36 6.51 -27.71 4.83
CA PHE A 36 6.83 -27.07 3.54
C PHE A 36 8.10 -26.22 3.68
N GLY A 37 8.43 -25.50 2.62
CA GLY A 37 9.67 -24.74 2.58
C GLY A 37 10.12 -24.58 1.15
N PHE A 38 11.25 -23.92 0.99
CA PHE A 38 11.79 -23.62 -0.33
C PHE A 38 13.26 -23.23 -0.20
N VAL A 39 13.97 -23.29 -1.34
CA VAL A 39 15.39 -22.98 -1.41
C VAL A 39 15.62 -22.05 -2.58
N VAL A 40 16.51 -21.08 -2.39
CA VAL A 40 16.83 -20.09 -3.40
C VAL A 40 18.34 -20.13 -3.59
N LYS A 41 18.78 -20.29 -4.83
CA LYS A 41 20.19 -20.39 -5.15
C LYS A 41 20.59 -19.17 -5.97
N GLN A 42 21.77 -18.64 -5.70
CA GLN A 42 22.34 -17.52 -6.42
C GLN A 42 23.58 -18.00 -7.15
N ASN A 43 23.77 -17.57 -8.39
CA ASN A 43 24.93 -18.00 -9.17
C ASN A 43 25.64 -16.79 -9.75
N PHE A 44 26.95 -16.69 -9.46
CA PHE A 44 27.78 -15.52 -9.72
C PHE A 44 28.89 -15.83 -10.71
N TRP A 45 29.02 -14.97 -11.72
CA TRP A 45 30.01 -15.16 -12.77
C TRP A 45 31.41 -15.33 -12.19
N ASP A 46 32.20 -16.20 -12.82
CA ASP A 46 33.53 -16.45 -12.27
C ASP A 46 34.49 -15.29 -12.53
N HIS A 47 34.07 -14.27 -13.28
CA HIS A 47 34.91 -13.12 -13.57
C HIS A 47 34.34 -11.83 -12.98
N THR A 48 33.27 -11.26 -13.52
CA THR A 48 32.81 -9.99 -12.97
C THR A 48 32.37 -10.14 -11.51
N ASN A 49 32.09 -11.37 -11.05
CA ASN A 49 31.54 -11.64 -9.71
C ASN A 49 30.16 -11.04 -9.52
N LYS A 50 29.64 -10.41 -10.55
CA LYS A 50 28.28 -9.94 -10.55
C LYS A 50 27.35 -11.14 -10.48
N LEU A 51 26.05 -10.90 -10.50
CA LEU A 51 25.05 -11.97 -10.50
C LEU A 51 24.90 -12.57 -11.88
N GLN A 52 24.66 -13.87 -11.93
CA GLN A 52 24.32 -14.51 -13.19
C GLN A 52 22.95 -15.15 -13.20
N SER A 53 22.48 -15.68 -12.07
CA SER A 53 21.12 -16.20 -12.12
C SER A 53 20.59 -16.49 -10.73
N TYR A 54 19.26 -16.54 -10.67
CA TYR A 54 18.51 -17.07 -9.55
C TYR A 54 17.93 -18.43 -9.93
N GLU A 55 17.77 -19.30 -8.92
CA GLU A 55 17.09 -20.58 -9.03
C GLU A 55 16.24 -20.74 -7.77
N MET A 56 15.12 -21.47 -7.86
CA MET A 56 14.26 -21.68 -6.68
C MET A 56 13.58 -23.05 -6.72
N GLU A 57 13.64 -23.79 -5.59
CA GLU A 57 13.19 -25.19 -5.47
C GLU A 57 12.33 -25.38 -4.22
N ILE A 58 11.68 -26.55 -4.12
CA ILE A 58 10.76 -26.86 -3.02
C ILE A 58 11.41 -27.89 -2.09
N CYS A 59 11.18 -27.75 -0.79
CA CYS A 59 11.51 -28.84 0.13
C CYS A 59 10.36 -29.83 0.18
N GLU A 60 10.69 -31.12 0.05
CA GLU A 60 9.67 -32.14 -0.07
C GLU A 60 8.89 -32.26 1.24
N SER A 61 7.66 -32.78 1.14
CA SER A 61 6.87 -33.12 2.31
C SER A 61 7.43 -34.32 3.05
N GLY A 62 7.28 -34.31 4.37
CA GLY A 62 7.69 -35.42 5.23
C GLY A 62 9.15 -35.84 5.19
N ALA A 63 10.05 -34.88 5.38
CA ALA A 63 11.49 -35.12 5.33
C ALA A 63 12.14 -34.44 6.52
N SER A 64 13.18 -35.07 7.07
CA SER A 64 13.94 -34.50 8.17
C SER A 64 15.02 -33.54 7.68
N SER A 65 14.87 -33.04 6.46
CA SER A 65 15.87 -32.21 5.80
C SER A 65 15.21 -31.57 4.60
N CYS A 66 15.61 -30.35 4.30
CA CYS A 66 15.40 -29.86 2.94
C CYS A 66 16.47 -30.46 2.05
N THR A 67 16.12 -31.58 1.40
CA THR A 67 16.92 -32.10 0.32
C THR A 67 16.95 -31.08 -0.82
N SER A 68 18.14 -30.50 -1.09
CA SER A 68 18.34 -29.36 -1.99
C SER A 68 18.40 -29.73 -3.48
N LYS A 69 19.09 -30.83 -3.84
CA LYS A 69 18.98 -31.45 -5.16
C LYS A 69 19.70 -30.63 -6.26
N GLN A 70 21.02 -30.77 -6.34
CA GLN A 70 21.87 -30.09 -7.33
C GLN A 70 21.77 -30.68 -8.74
N THR A 73 24.46 -31.55 -10.08
CA THR A 73 25.65 -31.13 -10.81
C THR A 73 25.51 -29.75 -11.43
N ASN A 74 24.89 -28.82 -10.70
CA ASN A 74 24.79 -27.46 -11.17
C ASN A 74 25.49 -26.54 -10.16
N LYS A 75 26.46 -25.77 -10.64
CA LYS A 75 27.17 -24.87 -9.74
C LYS A 75 26.21 -23.77 -9.34
N TYR A 76 26.40 -23.32 -8.11
CA TYR A 76 25.52 -22.35 -7.49
C TYR A 76 26.29 -21.97 -6.24
N ASP A 77 26.33 -20.67 -5.92
CA ASP A 77 27.36 -20.19 -5.01
C ASP A 77 26.85 -19.80 -3.63
N VAL A 78 25.54 -19.65 -3.43
CA VAL A 78 24.95 -19.48 -2.10
C VAL A 78 23.47 -19.87 -2.17
N SER A 79 22.93 -20.34 -1.04
CA SER A 79 21.53 -20.80 -1.01
C SER A 79 20.88 -20.34 0.28
N TYR A 80 19.84 -19.51 0.15
CA TYR A 80 18.96 -19.17 1.25
C TYR A 80 17.81 -20.20 1.33
N THR A 81 17.64 -20.85 2.49
CA THR A 81 16.73 -21.99 2.67
C THR A 81 15.75 -21.71 3.82
N TYR A 82 14.46 -21.97 3.62
CA TYR A 82 13.44 -21.79 4.66
C TYR A 82 12.48 -22.97 4.68
N ILE A 83 12.26 -23.56 5.85
CA ILE A 83 11.33 -24.66 5.98
C ILE A 83 10.50 -24.40 7.21
N GLU A 84 9.21 -24.62 7.09
CA GLU A 84 8.38 -24.77 8.26
C GLU A 84 8.47 -26.24 8.65
N CYS A 85 8.83 -26.49 9.89
CA CYS A 85 9.00 -27.86 10.37
C CYS A 85 8.17 -28.05 11.63
N GLY A 86 7.15 -28.87 11.52
CA GLY A 86 6.29 -29.22 12.63
C GLY A 86 6.27 -30.71 12.90
N PRO A 87 5.29 -31.14 13.72
CA PRO A 87 5.17 -32.56 14.05
C PRO A 87 4.82 -33.49 12.88
N GLN A 88 3.73 -33.25 12.15
CA GLN A 88 3.34 -34.13 11.04
C GLN A 88 3.19 -33.42 9.71
N ALA A 89 3.41 -34.21 8.66
CA ALA A 89 3.09 -33.82 7.30
C ALA A 89 1.63 -33.37 7.25
N LEU A 90 1.34 -32.47 6.31
CA LEU A 90 -0.05 -32.06 6.35
C LEU A 90 -0.85 -32.74 5.26
N PRO A 91 -2.09 -33.11 5.51
CA PRO A 91 -2.91 -33.74 4.47
C PRO A 91 -3.67 -32.73 3.65
N PHE A 92 -3.81 -33.05 2.36
CA PHE A 92 -4.39 -32.14 1.39
C PHE A 92 -3.67 -30.80 1.45
N THR A 93 -2.44 -30.82 0.93
CA THR A 93 -1.57 -29.64 0.86
C THR A 93 -0.45 -29.90 -0.15
N GLU A 94 -0.23 -28.97 -1.08
CA GLU A 94 0.70 -29.16 -2.18
C GLU A 94 1.41 -27.85 -2.49
N GLN A 95 2.74 -27.89 -2.69
CA GLN A 95 3.56 -26.70 -2.93
C GLN A 95 3.83 -26.51 -4.42
N VAL A 96 4.11 -25.27 -4.82
CA VAL A 96 4.17 -24.90 -6.24
C VAL A 96 5.18 -23.78 -6.48
N VAL A 97 5.90 -23.86 -7.60
CA VAL A 97 6.70 -22.76 -8.12
C VAL A 97 6.33 -22.57 -9.58
N SER A 98 5.91 -21.35 -9.96
CA SER A 98 5.92 -21.02 -11.38
C SER A 98 6.87 -19.85 -11.61
N VAL A 99 7.57 -19.92 -12.75
CA VAL A 99 8.57 -18.95 -13.20
C VAL A 99 8.14 -18.37 -14.55
N SER A 100 8.43 -17.08 -14.77
CA SER A 100 8.07 -16.47 -16.04
C SER A 100 9.08 -15.41 -16.47
N GLY A 101 8.93 -14.96 -17.73
CA GLY A 101 9.75 -13.96 -18.35
C GLY A 101 8.95 -12.79 -18.90
N THR A 102 7.75 -13.06 -19.44
CA THR A 102 6.91 -11.97 -19.93
C THR A 102 6.36 -11.14 -18.76
N THR A 103 5.55 -10.14 -19.10
CA THR A 103 4.99 -9.25 -18.08
C THR A 103 4.30 -10.06 -16.99
N TYR A 104 3.21 -10.72 -17.34
CA TYR A 104 2.45 -11.49 -16.38
C TYR A 104 3.33 -12.60 -15.81
N ASN A 105 3.00 -13.05 -14.60
CA ASN A 105 3.37 -14.38 -14.10
C ASN A 105 2.26 -14.78 -13.16
N SER A 106 1.56 -15.87 -13.46
CA SER A 106 0.42 -16.26 -12.64
C SER A 106 0.36 -17.79 -12.52
N VAL A 107 -0.27 -18.24 -11.43
CA VAL A 107 -0.29 -19.64 -11.01
C VAL A 107 -1.68 -20.00 -10.50
N LYS A 108 -2.21 -21.15 -10.92
CA LYS A 108 -3.44 -21.70 -10.33
C LYS A 108 -3.06 -22.79 -9.32
N CYS A 109 -3.99 -23.08 -8.43
CA CYS A 109 -3.70 -24.05 -7.37
C CYS A 109 -4.17 -25.45 -7.78
N PRO A 110 -3.38 -26.49 -7.51
CA PRO A 110 -3.75 -27.83 -8.00
C PRO A 110 -4.91 -28.49 -7.26
N ASN A 111 -5.70 -29.28 -8.00
CA ASN A 111 -7.00 -29.81 -7.55
C ASN A 111 -7.92 -28.72 -6.99
N ASP A 112 -7.77 -27.50 -7.53
CA ASP A 112 -8.60 -26.36 -7.17
C ASP A 112 -8.39 -25.93 -5.71
N TYR A 113 -7.14 -25.92 -5.28
CA TYR A 113 -6.81 -25.62 -3.90
C TYR A 113 -6.87 -24.11 -3.68
N SER A 114 -6.42 -23.66 -2.52
CA SER A 114 -6.46 -22.24 -2.18
C SER A 114 -5.13 -21.85 -1.56
N VAL A 115 -4.64 -20.65 -1.87
CA VAL A 115 -3.35 -20.22 -1.37
C VAL A 115 -3.41 -20.12 0.13
N LEU A 116 -2.50 -20.81 0.82
CA LEU A 116 -2.26 -20.55 2.23
C LEU A 116 -1.06 -19.64 2.38
N PHE A 117 0.06 -20.06 1.81
CA PHE A 117 1.27 -19.25 1.84
C PHE A 117 1.62 -18.97 0.40
N GLY A 118 2.30 -17.87 0.15
CA GLY A 118 2.48 -17.48 -1.23
C GLY A 118 3.15 -16.15 -1.40
N PHE A 119 4.06 -16.08 -2.35
CA PHE A 119 4.71 -14.81 -2.63
C PHE A 119 5.43 -14.90 -3.95
N GLY A 120 5.65 -13.75 -4.56
CA GLY A 120 6.45 -13.63 -5.76
C GLY A 120 7.73 -12.88 -5.44
N MET A 121 8.83 -13.28 -6.07
CA MET A 121 10.08 -12.52 -6.09
C MET A 121 10.39 -12.13 -7.53
N ALA A 122 10.83 -10.90 -7.74
CA ALA A 122 11.28 -10.54 -9.07
C ALA A 122 12.75 -10.11 -9.06
N THR A 123 13.38 -10.20 -10.22
CA THR A 123 14.81 -9.97 -10.35
C THR A 123 15.08 -9.27 -11.67
N SER A 124 16.32 -8.81 -11.85
CA SER A 124 16.76 -8.30 -13.14
C SER A 124 18.28 -8.39 -13.33
N SER A 125 18.77 -9.62 -13.55
CA SER A 125 20.19 -9.98 -13.57
C SER A 125 20.92 -9.57 -14.86
N GLY A 126 20.21 -9.09 -15.88
CA GLY A 126 20.84 -8.67 -17.13
C GLY A 126 19.90 -8.56 -18.32
N HIS A 128 20.10 -5.37 -19.28
CA HIS A 128 20.77 -4.14 -18.82
C HIS A 128 21.89 -4.42 -17.78
N GLN A 129 21.97 -3.57 -16.73
CA GLN A 129 23.10 -3.55 -15.79
C GLN A 129 22.67 -3.22 -14.35
N SER A 130 21.43 -3.51 -13.95
CA SER A 130 20.92 -3.20 -12.61
C SER A 130 20.57 -4.52 -11.89
N ALA A 131 21.61 -5.21 -11.39
CA ALA A 131 21.51 -6.65 -11.16
C ALA A 131 20.42 -6.98 -10.13
N LEU A 132 20.52 -6.48 -8.90
CA LEU A 132 19.40 -6.66 -7.97
C LEU A 132 18.38 -5.58 -8.19
N TYR A 133 17.56 -5.80 -9.18
CA TYR A 133 16.22 -5.25 -9.15
C TYR A 133 15.29 -6.11 -8.30
N SER A 134 15.83 -7.04 -7.48
CA SER A 134 15.03 -8.10 -6.84
C SER A 134 14.08 -7.53 -5.79
N TYR A 135 12.77 -7.60 -6.05
CA TYR A 135 11.69 -7.16 -5.16
C TYR A 135 10.86 -8.36 -4.73
N PHE A 136 9.83 -8.10 -3.91
CA PHE A 136 8.95 -9.12 -3.34
C PHE A 136 7.49 -8.67 -3.27
N THR A 137 6.55 -9.60 -3.51
CA THR A 137 5.10 -9.37 -3.53
C THR A 137 4.38 -10.44 -2.72
N PRO A 138 3.21 -10.11 -2.09
CA PRO A 138 2.44 -11.16 -1.41
C PRO A 138 1.33 -11.72 -2.27
N CYS A 139 0.99 -12.99 -2.01
CA CYS A 139 -0.19 -13.64 -2.54
C CYS A 139 -1.27 -13.70 -1.47
N ARG A 140 -2.52 -13.57 -1.88
CA ARG A 140 -3.55 -13.50 -0.84
C ARG A 140 -3.97 -14.89 -0.42
N PRO A 141 -3.93 -15.21 0.86
CA PRO A 141 -4.63 -16.40 1.36
C PRO A 141 -6.09 -16.40 0.93
N GLY A 142 -6.61 -17.59 0.62
CA GLY A 142 -7.98 -17.72 0.16
C GLY A 142 -8.16 -17.93 -1.32
N LEU A 143 -7.52 -17.10 -2.14
CA LEU A 143 -7.71 -17.18 -3.59
C LEU A 143 -7.09 -18.44 -4.18
N LYS A 144 -7.64 -18.85 -5.30
CA LYS A 144 -7.06 -19.98 -6.01
C LYS A 144 -5.85 -19.58 -6.86
N SER A 145 -5.69 -18.30 -7.17
CA SER A 145 -4.65 -17.83 -8.09
C SER A 145 -3.49 -17.23 -7.33
N CYS A 146 -2.59 -16.64 -8.11
CA CYS A 146 -1.74 -15.58 -7.59
C CYS A 146 -1.19 -14.87 -8.82
N SER A 147 -1.78 -13.74 -9.16
CA SER A 147 -1.27 -12.91 -10.23
C SER A 147 -0.05 -12.12 -9.74
N LEU A 148 0.74 -11.66 -10.70
CA LEU A 148 1.91 -10.82 -10.44
C LEU A 148 2.43 -10.24 -11.74
N ASN A 149 2.13 -8.98 -12.02
CA ASN A 149 2.73 -8.31 -13.16
C ASN A 149 4.14 -7.87 -12.77
N MET A 150 5.10 -8.10 -13.66
CA MET A 150 6.47 -7.63 -13.47
C MET A 150 6.73 -6.37 -14.30
N ASN A 151 7.61 -5.50 -13.81
CA ASN A 151 8.08 -4.36 -14.60
C ASN A 151 8.99 -4.85 -15.74
N GLU A 152 9.28 -3.97 -16.71
CA GLU A 152 10.19 -4.38 -17.77
C GLU A 152 11.63 -4.18 -17.35
N HIS A 153 12.56 -4.58 -18.24
CA HIS A 153 13.89 -4.99 -17.84
C HIS A 153 13.87 -5.69 -16.48
N ASP A 154 12.95 -6.65 -16.33
CA ASP A 154 13.05 -7.74 -15.37
C ASP A 154 13.45 -8.99 -16.13
N ASP A 155 14.28 -9.82 -15.49
CA ASP A 155 14.60 -11.13 -16.05
C ASP A 155 13.44 -12.10 -15.87
N LYS A 156 13.18 -12.48 -14.63
CA LYS A 156 12.34 -13.61 -14.34
C LYS A 156 11.62 -13.35 -13.03
N SER A 157 10.42 -13.89 -12.91
CA SER A 157 9.63 -13.81 -11.70
C SER A 157 9.37 -15.20 -11.14
N TYR A 158 9.59 -15.38 -9.81
CA TYR A 158 9.45 -16.66 -9.10
C TYR A 158 8.30 -16.57 -8.12
N ILE A 159 7.15 -17.14 -8.46
CA ILE A 159 6.01 -17.20 -7.54
C ILE A 159 6.03 -18.55 -6.89
N TYR A 160 6.08 -18.56 -5.57
CA TYR A 160 6.09 -19.78 -4.77
C TYR A 160 4.89 -19.77 -3.88
N LEU A 161 4.05 -20.80 -3.97
CA LEU A 161 2.98 -20.81 -3.01
C LEU A 161 2.64 -22.21 -2.48
N VAL A 162 2.30 -22.24 -1.18
CA VAL A 162 1.73 -23.40 -0.49
C VAL A 162 0.20 -23.32 -0.65
N CYS A 163 -0.38 -24.32 -1.35
CA CYS A 163 -1.81 -24.47 -1.61
C CYS A 163 -2.40 -25.49 -0.63
N VAL A 164 -3.50 -25.11 0.05
CA VAL A 164 -4.24 -26.06 0.89
C VAL A 164 -5.63 -26.25 0.31
N ASP A 165 -6.18 -27.44 0.55
CA ASP A 165 -7.55 -27.75 0.18
C ASP A 165 -8.47 -26.98 1.12
N ALA A 166 -9.10 -25.91 0.60
CA ALA A 166 -9.91 -24.95 1.33
C ALA A 166 -11.23 -25.55 1.90
N THR A 167 -11.45 -26.87 1.82
CA THR A 167 -12.58 -27.54 2.46
C THR A 167 -12.12 -28.51 3.56
N ILE A 168 -11.05 -28.16 4.28
CA ILE A 168 -10.53 -28.90 5.42
C ILE A 168 -9.59 -28.02 6.23
N TRP A 169 -8.85 -27.15 5.54
CA TRP A 169 -8.13 -26.05 6.18
C TRP A 169 -9.02 -24.82 6.14
N THR A 170 -9.52 -24.45 7.30
CA THR A 170 -10.63 -23.54 7.45
C THR A 170 -10.13 -22.14 7.69
N GLY A 171 -10.92 -21.17 7.26
CA GLY A 171 -10.65 -19.78 7.58
C GLY A 171 -9.39 -19.22 6.96
N LEU A 172 -8.98 -19.73 5.79
CA LEU A 172 -7.92 -19.09 5.03
C LEU A 172 -8.22 -17.62 4.80
N ASN A 173 -9.51 -17.25 4.76
CA ASN A 173 -9.93 -15.86 4.63
C ASN A 173 -9.59 -15.03 5.86
N ALA A 174 -9.12 -15.66 6.94
CA ALA A 174 -8.64 -14.99 8.14
C ALA A 174 -7.14 -14.70 8.11
N LEU A 175 -6.44 -15.10 7.05
CA LEU A 175 -4.99 -14.97 6.96
C LEU A 175 -4.64 -13.85 6.00
N SER A 176 -3.38 -13.39 6.06
CA SER A 176 -2.95 -12.40 5.09
C SER A 176 -1.42 -12.40 4.96
N MET A 177 -0.94 -12.23 3.75
CA MET A 177 0.49 -12.33 3.48
C MET A 177 1.06 -10.92 3.36
N ILE A 178 2.12 -10.64 4.10
CA ILE A 178 2.82 -9.36 3.98
C ILE A 178 4.21 -9.60 3.38
N ALA A 179 4.63 -8.65 2.55
CA ALA A 179 5.98 -8.65 1.98
C ALA A 179 6.45 -7.21 1.76
N LYS A 180 7.39 -6.74 2.61
CA LYS A 180 8.06 -5.46 2.40
C LYS A 180 9.49 -5.68 1.95
N ASP A 181 10.01 -4.74 1.17
CA ASP A 181 11.41 -4.79 0.77
C ASP A 181 11.91 -3.37 0.63
N ASP A 182 13.24 -3.22 0.64
CA ASP A 182 13.80 -1.90 0.36
C ASP A 182 15.20 -2.08 -0.21
N LEU A 183 15.47 -1.37 -1.31
CA LEU A 183 16.70 -1.48 -2.08
C LEU A 183 17.75 -0.60 -1.44
N HIS A 184 18.69 -1.20 -0.72
CA HIS A 184 19.82 -0.44 -0.21
C HIS A 184 20.91 -0.29 -1.25
N SER A 185 21.57 0.87 -1.19
CA SER A 185 22.56 1.25 -2.18
C SER A 185 23.82 0.41 -2.03
N ALA A 186 24.76 0.63 -2.94
CA ALA A 186 26.04 -0.05 -2.90
C ALA A 186 27.13 0.78 -2.24
N VAL A 187 26.76 1.95 -1.67
CA VAL A 187 27.67 3.09 -1.38
C VAL A 187 29.18 2.76 -1.23
N GLY A 196 18.13 2.90 7.97
CA GLY A 196 19.10 1.84 7.77
C GLY A 196 18.62 0.46 8.17
N GLU A 197 17.31 0.36 8.40
CA GLU A 197 16.64 -0.83 8.91
C GLU A 197 15.39 -1.08 8.07
N LEU A 198 14.72 -2.22 8.32
CA LEU A 198 13.49 -2.60 7.62
C LEU A 198 12.53 -3.29 8.58
N VAL A 199 11.28 -2.80 8.66
CA VAL A 199 10.25 -3.39 9.50
C VAL A 199 8.95 -3.48 8.71
N VAL A 200 8.23 -4.59 8.85
CA VAL A 200 6.87 -4.66 8.28
C VAL A 200 5.94 -5.33 9.29
N THR A 201 4.69 -4.85 9.35
CA THR A 201 3.75 -5.24 10.40
C THR A 201 2.44 -5.75 9.79
N CYS A 202 1.68 -6.53 10.58
CA CYS A 202 0.51 -7.21 10.04
C CYS A 202 -0.69 -6.27 9.97
N PRO A 203 -1.57 -6.41 8.96
CA PRO A 203 -2.79 -5.61 8.93
C PRO A 203 -3.87 -6.22 9.81
N SER A 204 -4.88 -5.40 10.12
CA SER A 204 -6.01 -5.80 10.96
C SER A 204 -5.55 -6.21 12.34
N GLU A 205 -4.49 -5.57 12.84
CA GLU A 205 -3.88 -5.92 14.12
C GLU A 205 -3.59 -7.41 14.17
N GLY A 206 -2.92 -7.90 13.13
CA GLY A 206 -2.64 -9.32 13.02
C GLY A 206 -1.32 -9.71 13.66
N THR A 207 -1.20 -10.99 13.98
CA THR A 207 0.04 -11.54 14.52
C THR A 207 0.61 -12.57 13.53
N ILE A 208 1.94 -12.78 13.58
CA ILE A 208 2.65 -13.61 12.60
C ILE A 208 2.30 -15.08 12.82
N LEU A 209 2.19 -15.83 11.73
CA LEU A 209 2.15 -17.28 11.83
C LEU A 209 3.50 -17.91 11.52
N THR A 210 4.21 -17.34 10.54
CA THR A 210 5.47 -17.86 10.00
C THR A 210 6.00 -16.89 8.96
N GLY A 211 7.31 -16.71 8.92
CA GLY A 211 7.90 -15.81 7.94
C GLY A 211 9.41 -15.79 8.08
N PHE A 212 10.03 -15.03 7.18
CA PHE A 212 11.49 -14.96 7.12
C PHE A 212 11.91 -13.53 6.78
N TYR A 213 13.13 -13.22 7.19
CA TYR A 213 13.74 -11.90 7.02
C TYR A 213 15.15 -12.12 6.51
N GLY A 214 15.54 -11.37 5.49
CA GLY A 214 16.92 -11.49 5.07
C GLY A 214 17.43 -10.38 4.17
N GLU A 215 18.67 -10.58 3.72
CA GLU A 215 19.40 -9.69 2.83
C GLU A 215 19.90 -10.52 1.64
N THR A 216 19.99 -9.90 0.46
CA THR A 216 20.61 -10.52 -0.70
C THR A 216 21.52 -9.52 -1.41
N HIS A 217 22.53 -10.02 -2.13
CA HIS A 217 23.43 -9.15 -2.89
C HIS A 217 23.42 -9.50 -4.38
N THR A 218 24.20 -8.73 -5.16
CA THR A 218 24.60 -9.15 -6.50
C THR A 218 26.09 -9.42 -6.58
N SER A 219 26.83 -9.13 -5.52
CA SER A 219 28.18 -9.62 -5.33
C SER A 219 28.15 -10.18 -3.92
N SER A 220 28.58 -11.43 -3.72
CA SER A 220 28.55 -11.94 -2.35
C SER A 220 29.90 -12.54 -2.01
N PRO A 221 30.50 -12.15 -0.88
CA PRO A 221 31.88 -12.59 -0.62
C PRO A 221 31.93 -14.07 -0.30
N TYR A 222 30.93 -14.57 0.43
CA TYR A 222 30.69 -16.00 0.55
C TYR A 222 29.19 -16.28 0.80
N THR A 224 30.88 -14.43 7.08
CA THR A 224 29.96 -13.36 6.70
C THR A 224 28.61 -13.97 6.21
N VAL A 225 27.56 -13.89 7.03
CA VAL A 225 26.27 -14.49 6.71
C VAL A 225 25.18 -13.49 7.04
N PRO A 226 23.96 -13.59 6.39
CA PRO A 226 22.82 -12.77 6.82
C PRO A 226 21.39 -13.25 6.49
N PHE A 227 20.68 -13.99 7.35
CA PHE A 227 19.35 -14.50 7.00
C PHE A 227 18.68 -15.13 8.24
N GLY A 228 17.35 -15.05 8.33
CA GLY A 228 16.67 -15.59 9.50
C GLY A 228 15.16 -15.65 9.39
N LYS A 229 14.52 -15.95 10.53
CA LYS A 229 13.10 -16.29 10.59
C LYS A 229 12.32 -15.38 11.54
N CYS A 230 11.04 -15.14 11.19
CA CYS A 230 10.17 -14.31 12.01
C CYS A 230 9.59 -15.09 13.19
N ALA A 231 9.29 -14.34 14.25
CA ALA A 231 8.79 -14.83 15.52
C ALA A 231 7.28 -14.84 15.52
N LYS A 232 6.70 -15.77 16.26
CA LYS A 232 5.30 -16.14 16.08
C LYS A 232 4.42 -15.54 17.16
N SER A 233 3.14 -15.33 16.82
CA SER A 233 2.16 -14.64 17.66
C SER A 233 2.58 -13.20 18.00
N LEU A 234 3.51 -12.62 17.21
CA LEU A 234 3.98 -11.24 17.30
C LEU A 234 3.53 -10.50 16.05
N LYS A 235 3.79 -9.19 16.00
CA LYS A 235 3.03 -8.31 15.12
C LYS A 235 3.87 -7.63 14.05
N ALA A 236 5.19 -7.78 14.04
CA ALA A 236 6.01 -7.30 12.93
C ALA A 236 7.17 -8.27 12.64
N CYS A 237 8.05 -7.85 11.71
CA CYS A 237 9.23 -8.62 11.33
C CYS A 237 10.29 -7.66 10.80
N SER A 238 11.52 -7.84 11.28
CA SER A 238 12.54 -6.80 11.31
C SER A 238 13.86 -7.33 10.76
N VAL A 239 14.56 -6.48 10.01
CA VAL A 239 15.89 -6.84 9.50
C VAL A 239 16.87 -5.78 9.96
N HIS A 240 18.08 -5.80 9.43
CA HIS A 240 19.18 -5.00 9.94
C HIS A 240 20.32 -5.03 8.93
N GLY A 241 20.55 -3.91 8.24
CA GLY A 241 21.58 -3.81 7.22
C GLY A 241 22.98 -4.17 7.67
N SER A 242 23.60 -5.11 6.96
CA SER A 242 24.93 -5.58 7.36
C SER A 242 25.99 -4.61 6.85
N HIS A 249 25.18 0.88 -8.69
CA HIS A 249 25.96 -0.28 -9.12
C HIS A 249 25.29 -1.62 -8.76
N ASN A 250 26.10 -2.56 -8.27
CA ASN A 250 25.70 -3.95 -8.00
C ASN A 250 24.98 -4.12 -6.64
N TYR A 251 24.09 -3.19 -6.27
CA TYR A 251 23.69 -3.08 -4.88
C TYR A 251 22.64 -4.12 -4.49
N ARG A 252 22.37 -4.17 -3.18
CA ARG A 252 21.79 -5.30 -2.48
C ARG A 252 20.52 -4.87 -1.75
N THR A 253 19.64 -5.85 -1.47
CA THR A 253 18.26 -5.57 -1.04
C THR A 253 17.93 -6.27 0.27
N LEU A 254 17.04 -5.65 1.08
CA LEU A 254 16.53 -6.25 2.31
C LEU A 254 15.06 -6.58 2.15
N PHE A 255 14.61 -7.67 2.76
CA PHE A 255 13.25 -8.15 2.52
C PHE A 255 12.63 -8.71 3.79
N THR A 256 11.31 -8.85 3.77
CA THR A 256 10.58 -9.57 4.81
C THR A 256 9.30 -10.14 4.24
N VAL A 257 9.12 -11.45 4.41
CA VAL A 257 7.87 -12.12 4.04
C VAL A 257 7.32 -12.73 5.33
N ALA A 258 5.99 -12.66 5.49
CA ALA A 258 5.38 -13.37 6.60
C ALA A 258 3.91 -13.56 6.32
N LEU A 259 3.27 -14.35 7.17
CA LEU A 259 1.85 -14.62 7.06
C LEU A 259 1.21 -14.41 8.43
N CYS A 260 0.06 -13.75 8.44
CA CYS A 260 -0.53 -13.23 9.66
C CYS A 260 -1.95 -13.76 9.82
N LYS A 261 -2.38 -13.94 11.06
CA LYS A 261 -3.78 -14.17 11.37
C LYS A 261 -4.35 -12.86 11.90
N ASN A 262 -5.60 -12.57 11.60
CA ASN A 262 -6.20 -11.32 12.01
C ASN A 262 -6.93 -11.50 13.33
N ASN A 263 -6.36 -10.93 14.39
CA ASN A 263 -6.95 -10.99 15.72
C ASN A 263 -7.84 -9.77 15.95
N LYS B 4 -31.74 27.34 1.97
CA LYS B 4 -31.58 28.24 0.84
C LYS B 4 -31.00 27.52 -0.40
N ASP B 5 -30.55 28.31 -1.37
CA ASP B 5 -30.12 27.83 -2.67
C ASP B 5 -28.59 27.74 -2.66
N ILE B 6 -28.07 26.54 -2.96
CA ILE B 6 -26.69 26.22 -2.68
C ILE B 6 -25.82 26.16 -3.94
N VAL B 7 -26.40 25.89 -5.11
CA VAL B 7 -25.60 26.07 -6.32
C VAL B 7 -25.32 27.56 -6.53
N LYS B 8 -26.25 28.42 -6.09
CA LYS B 8 -26.17 29.83 -6.40
C LYS B 8 -25.02 30.49 -5.64
N ILE B 9 -25.00 30.36 -4.30
CA ILE B 9 -23.82 30.67 -3.50
C ILE B 9 -22.50 30.30 -4.16
N LEU B 10 -22.41 29.06 -4.60
CA LEU B 10 -21.15 28.40 -4.91
C LEU B 10 -20.70 28.66 -6.33
N THR B 11 -21.55 29.28 -7.17
CA THR B 11 -21.04 29.94 -8.37
C THR B 11 -20.32 31.25 -8.02
N ALA B 12 -20.91 32.04 -7.11
CA ALA B 12 -20.34 33.32 -6.71
C ALA B 12 -18.96 33.16 -6.05
N SER B 13 -18.70 32.02 -5.41
CA SER B 13 -17.57 31.88 -4.49
C SER B 13 -16.25 31.76 -5.25
N THR B 14 -15.17 32.06 -4.53
CA THR B 14 -13.79 31.97 -5.01
C THR B 14 -13.13 30.80 -4.32
N THR B 15 -12.65 29.80 -5.08
CA THR B 15 -11.73 28.84 -4.50
C THR B 15 -10.34 29.48 -4.39
N VAL B 16 -9.66 29.18 -3.29
CA VAL B 16 -8.23 29.46 -3.18
C VAL B 16 -7.54 28.17 -2.73
N THR B 17 -6.61 27.69 -3.54
CA THR B 17 -5.69 26.64 -3.09
C THR B 17 -4.32 27.26 -2.85
N LYS B 18 -3.51 26.55 -2.07
CA LYS B 18 -2.07 26.83 -2.07
C LYS B 18 -1.34 25.64 -1.49
N THR B 19 -0.23 25.26 -2.13
CA THR B 19 0.63 24.18 -1.67
C THR B 19 2.04 24.72 -1.41
N GLY B 20 2.82 23.98 -0.61
CA GLY B 20 4.15 24.42 -0.24
C GLY B 20 4.62 23.96 1.12
N PRO B 21 5.88 24.24 1.44
CA PRO B 21 6.46 23.75 2.70
C PRO B 21 6.01 24.64 3.85
N PRO B 22 5.42 24.06 4.88
CA PRO B 22 4.71 24.84 5.88
C PRO B 22 5.68 25.62 6.74
N PRO B 23 5.25 26.78 7.32
CA PRO B 23 3.86 27.23 7.23
C PRO B 23 3.62 28.08 5.98
N ILE B 24 2.45 27.88 5.37
CA ILE B 24 1.98 28.64 4.22
C ILE B 24 0.51 28.94 4.47
N SER B 25 -0.02 29.93 3.75
CA SER B 25 -1.35 30.40 4.04
C SER B 25 -2.11 30.68 2.75
N ALA B 26 -3.37 30.28 2.75
CA ALA B 26 -4.30 30.59 1.66
C ALA B 26 -5.18 31.73 2.14
N GLU B 27 -4.74 32.98 1.88
CA GLU B 27 -5.56 34.16 2.15
C GLU B 27 -6.85 34.13 1.32
N CYS B 28 -7.82 34.91 1.77
CA CYS B 28 -9.04 35.05 1.01
C CYS B 28 -9.24 36.47 0.52
N PRO B 29 -10.00 36.64 -0.57
CA PRO B 29 -10.18 37.98 -1.15
C PRO B 29 -10.75 38.93 -0.11
N HIS B 30 -10.50 40.24 -0.30
CA HIS B 30 -10.98 41.27 0.62
C HIS B 30 -12.45 41.04 0.92
N ASN B 31 -12.82 41.27 2.18
CA ASN B 31 -14.11 40.90 2.76
C ASN B 31 -14.69 39.62 2.13
N MET B 32 -14.08 38.48 2.47
CA MET B 32 -14.47 37.12 2.12
C MET B 32 -13.95 36.19 3.22
N VAL B 33 -14.80 35.24 3.65
CA VAL B 33 -14.47 34.26 4.69
C VAL B 33 -14.59 32.83 4.17
N VAL B 34 -13.69 31.97 4.66
CA VAL B 34 -13.70 30.56 4.25
C VAL B 34 -15.06 29.95 4.59
N LEU B 35 -15.67 29.30 3.61
CA LEU B 35 -16.94 28.60 3.80
C LEU B 35 -16.71 27.21 4.37
N PHE B 36 -15.74 26.50 3.80
CA PHE B 36 -15.21 25.20 4.23
C PHE B 36 -13.84 25.03 3.59
N GLY B 37 -13.20 23.91 3.91
CA GLY B 37 -11.88 23.65 3.37
C GLY B 37 -11.11 22.68 4.24
N PHE B 38 -10.04 22.16 3.65
CA PHE B 38 -9.17 21.23 4.36
C PHE B 38 -7.71 21.63 4.17
N VAL B 39 -6.86 21.06 5.03
CA VAL B 39 -5.41 21.08 4.90
C VAL B 39 -4.93 19.64 4.98
N VAL B 40 -4.10 19.24 4.03
CA VAL B 40 -3.47 17.93 3.98
C VAL B 40 -1.96 18.10 4.04
N LYS B 41 -1.30 17.37 4.92
CA LYS B 41 0.15 17.47 5.03
C LYS B 41 0.79 16.12 4.77
N GLN B 42 1.99 16.16 4.17
CA GLN B 42 2.90 15.03 4.03
C GLN B 42 4.15 15.29 4.85
N ASN B 43 4.51 14.30 5.66
CA ASN B 43 5.74 14.36 6.44
C ASN B 43 6.70 13.31 5.91
N PHE B 44 7.95 13.75 5.65
CA PHE B 44 9.03 12.92 5.12
C PHE B 44 10.16 12.86 6.14
N TRP B 45 10.97 11.81 6.06
CA TRP B 45 11.96 11.54 7.09
C TRP B 45 13.20 12.46 7.06
N THR B 48 15.36 10.12 5.48
CA THR B 48 15.57 9.24 4.33
C THR B 48 14.89 9.85 3.09
N ASN B 49 14.06 10.88 3.34
CA ASN B 49 13.25 11.60 2.34
C ASN B 49 12.05 10.78 1.89
N LYS B 50 12.05 9.49 2.21
CA LYS B 50 10.92 8.63 1.93
C LYS B 50 9.72 9.03 2.80
N LEU B 51 8.53 8.73 2.30
CA LEU B 51 7.29 9.15 2.93
C LEU B 51 7.15 8.60 4.35
N GLN B 52 6.48 9.38 5.21
CA GLN B 52 6.33 9.00 6.61
C GLN B 52 4.92 9.20 7.18
N SER B 53 4.26 10.31 6.88
CA SER B 53 2.92 10.47 7.43
C SER B 53 2.03 11.22 6.45
N TYR B 54 0.73 10.97 6.55
CA TYR B 54 -0.31 11.80 5.95
C TYR B 54 -1.17 12.44 7.05
N GLU B 55 -1.66 13.67 6.82
CA GLU B 55 -2.44 14.40 7.82
C GLU B 55 -3.54 15.17 7.11
N MET B 56 -4.65 15.41 7.80
CA MET B 56 -5.73 16.24 7.25
C MET B 56 -6.49 16.91 8.39
N GLU B 57 -6.72 18.22 8.28
CA GLU B 57 -7.44 18.93 9.32
C GLU B 57 -8.40 19.92 8.68
N ILE B 58 -9.36 20.40 9.49
CA ILE B 58 -10.45 21.22 8.97
C ILE B 58 -10.00 22.68 8.90
N CYS B 59 -10.31 23.31 7.79
CA CYS B 59 -10.22 24.76 7.69
C CYS B 59 -11.50 25.35 8.27
N GLU B 60 -11.38 26.06 9.38
CA GLU B 60 -12.56 26.50 10.08
C GLU B 60 -13.14 27.68 9.33
N SER B 61 -14.45 27.65 9.09
CA SER B 61 -15.14 28.69 8.35
C SER B 61 -15.29 29.92 9.24
N GLY B 62 -15.82 31.01 8.68
CA GLY B 62 -15.86 32.27 9.39
C GLY B 62 -14.51 32.94 9.56
N ALA B 63 -13.43 32.28 9.15
CA ALA B 63 -12.08 32.82 9.12
C ALA B 63 -11.76 33.34 7.72
N SER B 64 -10.67 34.10 7.62
CA SER B 64 -10.29 34.70 6.35
C SER B 64 -9.14 33.97 5.70
N SER B 65 -8.26 33.37 6.50
CA SER B 65 -7.08 32.69 5.98
C SER B 65 -6.88 31.41 6.76
N CYS B 66 -6.96 30.27 6.06
CA CYS B 66 -6.63 28.98 6.64
C CYS B 66 -5.14 28.69 6.49
N THR B 67 -4.55 28.14 7.56
CA THR B 67 -3.11 27.90 7.65
C THR B 67 -2.84 26.49 8.16
N SER B 68 -1.68 25.98 7.78
CA SER B 68 -1.17 24.72 8.32
C SER B 68 -0.44 25.06 9.62
N LYS B 69 -1.10 24.79 10.74
CA LYS B 69 -0.42 24.81 12.03
C LYS B 69 0.31 23.48 12.18
N GLN B 70 1.65 23.51 12.20
CA GLN B 70 2.47 22.29 12.14
C GLN B 70 2.54 21.50 13.44
N GLY B 71 1.45 21.43 14.22
CA GLY B 71 1.64 20.84 15.54
C GLY B 71 2.44 21.78 16.44
N ASN B 72 2.97 21.23 17.53
CA ASN B 72 3.83 22.04 18.39
C ASN B 72 5.33 21.78 18.19
N THR B 73 5.72 20.61 17.65
CA THR B 73 7.05 20.38 17.06
C THR B 73 7.15 19.02 16.36
N ASN B 74 6.51 18.88 15.20
CA ASN B 74 6.68 17.72 14.32
C ASN B 74 7.02 18.25 12.93
N LYS B 75 8.23 17.96 12.48
CA LYS B 75 8.76 18.56 11.26
C LYS B 75 8.02 17.99 10.03
N TYR B 76 7.02 18.72 9.52
CA TYR B 76 6.40 18.41 8.24
C TYR B 76 7.10 19.14 7.12
N ASP B 77 6.99 18.60 5.90
CA ASP B 77 7.67 19.21 4.77
C ASP B 77 6.77 19.62 3.62
N VAL B 78 5.59 19.03 3.42
CA VAL B 78 4.73 19.51 2.32
C VAL B 78 3.29 19.65 2.81
N SER B 79 2.61 20.73 2.42
CA SER B 79 1.20 20.89 2.76
C SER B 79 0.41 21.35 1.54
N TYR B 80 -0.86 20.91 1.51
CA TYR B 80 -1.82 21.12 0.42
C TYR B 80 -3.11 21.70 1.02
N THR B 81 -3.43 22.96 0.69
CA THR B 81 -4.55 23.66 1.29
C THR B 81 -5.57 23.97 0.21
N TYR B 82 -6.85 23.69 0.52
CA TYR B 82 -8.01 24.01 -0.33
C TYR B 82 -9.04 24.69 0.56
N ILE B 83 -9.46 25.89 0.17
CA ILE B 83 -10.55 26.57 0.86
C ILE B 83 -11.52 27.08 -0.18
N GLU B 84 -12.79 26.93 0.11
CA GLU B 84 -13.82 27.59 -0.68
C GLU B 84 -14.19 28.85 0.12
N CYS B 85 -14.07 30.02 -0.51
CA CYS B 85 -14.19 31.29 0.16
C CYS B 85 -15.35 32.09 -0.39
N GLY B 86 -16.19 32.59 0.52
CA GLY B 86 -17.31 33.42 0.17
C GLY B 86 -17.53 34.53 1.20
N PRO B 87 -18.60 35.35 1.02
CA PRO B 87 -18.74 36.60 1.80
C PRO B 87 -19.27 36.43 3.21
N GLN B 88 -20.26 35.57 3.43
CA GLN B 88 -20.67 35.21 4.79
C GLN B 88 -20.43 33.71 4.92
N ALA B 89 -20.28 33.25 6.16
CA ALA B 89 -20.11 31.83 6.43
C ALA B 89 -21.40 31.10 6.12
N LEU B 90 -21.56 29.87 6.59
CA LEU B 90 -22.70 29.05 6.17
C LEU B 90 -23.42 28.52 7.40
N PRO B 91 -24.73 28.75 7.50
CA PRO B 91 -25.50 28.25 8.65
C PRO B 91 -25.94 26.81 8.50
N PHE B 92 -26.03 26.11 9.64
CA PHE B 92 -26.46 24.71 9.67
C PHE B 92 -25.57 23.87 8.77
N THR B 93 -24.30 24.17 8.81
CA THR B 93 -23.30 23.38 8.11
C THR B 93 -22.18 23.07 9.08
N GLU B 94 -21.51 21.97 8.78
CA GLU B 94 -20.48 21.45 9.65
C GLU B 94 -19.47 20.68 8.82
N GLN B 95 -18.20 20.81 9.17
CA GLN B 95 -17.18 20.04 8.49
C GLN B 95 -16.76 18.89 9.38
N VAL B 96 -16.27 17.83 8.74
CA VAL B 96 -15.91 16.58 9.42
C VAL B 96 -14.68 16.00 8.74
N VAL B 97 -13.68 15.61 9.54
CA VAL B 97 -12.67 14.64 9.08
C VAL B 97 -12.86 13.38 9.92
N SER B 98 -12.83 12.23 9.27
CA SER B 98 -12.86 10.95 9.97
C SER B 98 -11.64 10.16 9.58
N VAL B 99 -10.90 9.68 10.58
CA VAL B 99 -9.71 8.84 10.37
C VAL B 99 -10.04 7.41 10.79
N SER B 100 -9.52 6.46 10.03
CA SER B 100 -9.52 5.07 10.45
C SER B 100 -8.22 4.42 9.98
N GLY B 101 -7.79 3.44 10.76
CA GLY B 101 -6.67 2.58 10.42
C GLY B 101 -7.08 1.15 10.10
N THR B 102 -8.16 0.67 10.72
CA THR B 102 -8.79 -0.57 10.29
C THR B 102 -9.36 -0.39 8.87
N THR B 103 -9.72 -1.51 8.24
CA THR B 103 -10.04 -1.48 6.82
C THR B 103 -11.37 -0.78 6.51
N TYR B 104 -12.14 -0.42 7.52
CA TYR B 104 -13.45 0.19 7.36
C TYR B 104 -13.43 1.58 7.97
N ASN B 105 -13.84 2.58 7.21
CA ASN B 105 -13.90 3.93 7.73
C ASN B 105 -15.31 4.46 7.49
N SER B 106 -16.03 4.83 8.56
CA SER B 106 -17.39 5.32 8.32
C SER B 106 -17.83 6.41 9.29
N VAL B 107 -18.37 7.50 8.74
CA VAL B 107 -18.76 8.66 9.53
C VAL B 107 -20.22 9.02 9.25
N LYS B 108 -21.00 9.17 10.32
CA LYS B 108 -22.34 9.74 10.26
C LYS B 108 -22.22 11.25 10.40
N CYS B 109 -22.83 11.95 9.47
CA CYS B 109 -23.03 13.39 9.60
C CYS B 109 -23.80 13.67 10.89
N PRO B 110 -23.25 14.47 11.81
CA PRO B 110 -23.96 14.83 13.04
C PRO B 110 -25.33 15.46 12.82
N ASN B 111 -26.09 15.56 13.93
CA ASN B 111 -27.32 16.34 14.03
C ASN B 111 -28.37 16.01 12.96
N ASP B 112 -28.29 14.84 12.32
CA ASP B 112 -29.18 14.46 11.21
C ASP B 112 -28.94 15.31 9.95
N TYR B 113 -27.75 15.89 9.83
CA TYR B 113 -27.36 16.61 8.65
C TYR B 113 -27.12 15.63 7.49
N SER B 114 -27.01 16.17 6.26
CA SER B 114 -26.75 15.40 5.05
C SER B 114 -25.44 15.81 4.38
N VAL B 115 -24.91 14.94 3.52
CA VAL B 115 -23.63 15.18 2.86
C VAL B 115 -23.79 16.17 1.72
N LEU B 116 -23.08 17.29 1.82
CA LEU B 116 -22.97 18.27 0.74
C LEU B 116 -21.75 18.03 -0.14
N PHE B 117 -20.56 18.09 0.44
CA PHE B 117 -19.32 17.95 -0.31
C PHE B 117 -18.44 16.94 0.44
N GLY B 118 -18.33 15.72 -0.06
CA GLY B 118 -17.52 14.71 0.58
C GLY B 118 -16.43 14.21 -0.36
N PHE B 119 -15.49 13.46 0.23
CA PHE B 119 -14.52 12.65 -0.48
C PHE B 119 -13.69 11.95 0.59
N GLY B 120 -12.96 10.91 0.16
CA GLY B 120 -12.08 10.17 1.04
C GLY B 120 -10.73 10.00 0.38
N MET B 121 -9.72 9.84 1.21
CA MET B 121 -8.35 9.67 0.75
C MET B 121 -7.71 8.58 1.58
N ALA B 122 -7.20 7.56 0.90
CA ALA B 122 -6.65 6.37 1.54
C ALA B 122 -5.18 6.23 1.18
N THR B 123 -4.36 5.92 2.19
CA THR B 123 -2.92 5.99 2.11
C THR B 123 -2.27 4.72 2.63
N SER B 124 -1.25 4.27 1.89
CA SER B 124 -0.22 3.38 2.44
C SER B 124 1.06 4.16 2.63
N SER B 125 1.59 4.10 3.84
CA SER B 125 2.88 4.67 4.13
C SER B 125 3.86 3.56 4.47
N GLY B 126 3.70 2.40 3.84
CA GLY B 126 4.61 1.29 4.03
C GLY B 126 4.53 0.58 5.37
N ARG B 127 3.37 0.57 6.01
CA ARG B 127 3.33 -0.08 7.32
C ARG B 127 3.14 -1.59 7.20
N HIS B 128 2.30 -2.02 6.26
CA HIS B 128 2.05 -3.42 5.97
C HIS B 128 2.55 -3.85 4.59
N GLN B 129 3.45 -3.09 3.95
CA GLN B 129 3.88 -3.34 2.57
C GLN B 129 4.95 -2.31 2.22
N SER B 130 5.48 -2.41 0.99
CA SER B 130 6.60 -1.57 0.56
C SER B 130 6.14 -0.38 -0.28
N ALA B 131 4.91 -0.41 -0.77
CA ALA B 131 4.42 0.64 -1.64
C ALA B 131 3.90 1.84 -0.83
N LEU B 132 4.50 3.00 -1.05
CA LEU B 132 4.00 4.23 -0.48
C LEU B 132 3.12 4.88 -1.53
N TYR B 133 1.82 5.01 -1.24
CA TYR B 133 0.92 5.72 -2.14
C TYR B 133 -0.20 6.42 -1.37
N SER B 134 -1.00 7.17 -2.13
CA SER B 134 -2.29 7.67 -1.69
C SER B 134 -3.24 7.70 -2.90
N TYR B 135 -4.56 7.59 -2.63
CA TYR B 135 -5.58 7.61 -3.69
C TYR B 135 -6.90 8.10 -3.09
N PHE B 136 -7.96 8.25 -3.93
CA PHE B 136 -9.12 9.06 -3.60
C PHE B 136 -10.46 8.47 -4.05
N THR B 137 -11.49 8.57 -3.18
CA THR B 137 -12.92 8.16 -3.24
C THR B 137 -13.83 9.36 -3.30
N PRO B 138 -14.95 9.28 -4.02
CA PRO B 138 -16.02 10.26 -3.82
C PRO B 138 -17.10 9.80 -2.84
N CYS B 139 -17.51 10.72 -1.97
CA CYS B 139 -18.72 10.56 -1.19
C CYS B 139 -19.89 10.96 -2.09
N ARG B 140 -21.11 10.95 -1.58
CA ARG B 140 -22.29 11.21 -2.41
C ARG B 140 -23.17 12.30 -1.80
N PRO B 141 -23.24 13.49 -2.42
CA PRO B 141 -24.19 14.49 -1.97
C PRO B 141 -25.58 13.91 -1.85
N GLY B 142 -26.17 14.01 -0.68
CA GLY B 142 -27.51 13.51 -0.48
C GLY B 142 -27.63 12.68 0.78
N LEU B 143 -26.66 11.80 1.01
CA LEU B 143 -26.74 10.90 2.16
C LEU B 143 -26.29 11.59 3.44
N LYS B 144 -26.63 10.95 4.56
CA LYS B 144 -26.31 11.44 5.89
C LYS B 144 -25.06 10.77 6.45
N SER B 145 -24.35 10.01 5.64
CA SER B 145 -23.17 9.29 6.11
C SER B 145 -22.35 8.90 4.89
N CYS B 146 -21.04 8.78 5.09
CA CYS B 146 -20.22 8.31 3.99
C CYS B 146 -19.11 7.43 4.54
N SER B 147 -18.52 6.64 3.65
CA SER B 147 -17.73 5.53 4.14
C SER B 147 -16.81 4.97 3.07
N LEU B 148 -15.73 4.36 3.55
CA LEU B 148 -14.57 4.00 2.75
C LEU B 148 -14.14 2.60 3.10
N ASN B 149 -13.99 1.78 2.07
CA ASN B 149 -13.44 0.44 2.15
C ASN B 149 -11.96 0.54 1.83
N MET B 150 -11.12 0.58 2.86
CA MET B 150 -9.68 0.55 2.60
C MET B 150 -9.30 -0.77 1.92
N ASN B 151 -8.16 -0.75 1.22
CA ASN B 151 -7.58 -2.00 0.77
C ASN B 151 -7.09 -2.81 1.97
N GLU B 152 -6.72 -4.05 1.68
CA GLU B 152 -6.20 -4.96 2.70
C GLU B 152 -4.96 -4.40 3.40
N HIS B 153 -4.00 -3.88 2.61
CA HIS B 153 -2.66 -3.48 3.04
C HIS B 153 -2.52 -1.96 3.19
N ASP B 154 -3.63 -1.23 3.23
CA ASP B 154 -3.61 0.21 3.41
C ASP B 154 -3.42 0.55 4.89
N ASP B 155 -2.78 1.71 5.14
CA ASP B 155 -2.48 2.26 6.48
C ASP B 155 -3.66 3.03 7.06
N LYS B 156 -3.88 4.22 6.51
CA LYS B 156 -4.77 5.18 7.13
C LYS B 156 -5.66 5.80 6.08
N SER B 157 -6.79 6.32 6.55
CA SER B 157 -7.87 6.66 5.65
C SER B 157 -8.63 7.85 6.24
N TYR B 158 -8.85 8.88 5.42
CA TYR B 158 -9.44 10.17 5.82
C TYR B 158 -10.67 10.45 4.98
N ILE B 159 -11.78 10.70 5.62
CA ILE B 159 -12.96 11.17 4.90
C ILE B 159 -13.17 12.61 5.30
N TYR B 160 -13.16 13.51 4.32
CA TYR B 160 -13.56 14.89 4.51
C TYR B 160 -14.96 15.08 3.97
N LEU B 161 -15.87 15.51 4.81
CA LEU B 161 -17.16 15.86 4.28
C LEU B 161 -17.76 17.07 4.99
N VAL B 162 -18.32 17.96 4.17
CA VAL B 162 -19.08 19.12 4.59
C VAL B 162 -20.55 18.73 4.55
N CYS B 163 -21.15 18.66 5.74
CA CYS B 163 -22.54 18.33 6.00
C CYS B 163 -23.37 19.61 6.11
N VAL B 164 -24.68 19.45 5.92
CA VAL B 164 -25.61 20.57 5.89
C VAL B 164 -26.96 20.09 6.40
N ASP B 165 -27.69 20.96 7.11
CA ASP B 165 -29.08 20.64 7.39
C ASP B 165 -29.78 20.50 6.03
N ALA B 166 -29.99 19.26 5.58
CA ALA B 166 -30.69 19.06 4.32
C ALA B 166 -32.16 19.46 4.39
N THR B 167 -32.69 19.71 5.59
CA THR B 167 -33.99 20.38 5.69
C THR B 167 -33.85 21.93 5.54
N ILE B 168 -32.75 22.40 4.95
CA ILE B 168 -32.54 23.80 4.51
C ILE B 168 -32.01 23.87 3.07
N TRP B 169 -30.88 23.23 2.82
CA TRP B 169 -30.23 23.38 1.52
C TRP B 169 -30.86 22.39 0.56
N THR B 170 -31.59 22.93 -0.40
CA THR B 170 -32.52 22.14 -1.18
C THR B 170 -31.82 21.46 -2.34
N GLY B 171 -32.37 20.32 -2.73
CA GLY B 171 -31.91 19.63 -3.91
C GLY B 171 -30.52 19.10 -3.74
N LEU B 172 -30.28 18.40 -2.63
CA LEU B 172 -28.95 17.87 -2.42
C LEU B 172 -28.67 16.72 -3.37
N ASN B 173 -29.72 15.98 -3.76
CA ASN B 173 -29.59 14.78 -4.59
C ASN B 173 -29.38 15.13 -6.05
N ALA B 174 -29.79 16.34 -6.45
CA ALA B 174 -29.51 16.85 -7.78
C ALA B 174 -28.06 17.32 -7.85
N LEU B 175 -27.20 16.69 -7.04
CA LEU B 175 -25.77 16.94 -6.98
C LEU B 175 -25.03 15.61 -7.03
N SER B 176 -23.72 15.69 -7.26
CA SER B 176 -22.91 14.48 -7.30
C SER B 176 -21.42 14.82 -7.32
N MET B 177 -20.65 14.10 -6.50
CA MET B 177 -19.21 14.24 -6.41
C MET B 177 -18.50 13.42 -7.47
N ILE B 178 -17.38 13.94 -7.99
CA ILE B 178 -16.50 13.14 -8.85
C ILE B 178 -15.10 13.16 -8.23
N ALA B 179 -14.41 12.04 -8.33
CA ALA B 179 -13.10 11.90 -7.69
C ALA B 179 -12.32 10.81 -8.41
N LYS B 180 -11.27 11.21 -9.13
CA LYS B 180 -10.54 10.28 -9.97
C LYS B 180 -9.05 10.52 -9.82
N ASP B 181 -8.29 9.43 -9.89
CA ASP B 181 -6.88 9.45 -9.61
C ASP B 181 -6.15 8.53 -10.58
N ASP B 182 -4.81 8.60 -10.50
CA ASP B 182 -3.95 8.01 -11.50
C ASP B 182 -2.57 7.83 -10.84
N LEU B 183 -2.30 6.60 -10.38
CA LEU B 183 -1.05 6.25 -9.73
C LEU B 183 -0.02 5.67 -10.71
N HIS B 184 1.25 6.07 -10.55
CA HIS B 184 2.29 5.63 -11.46
C HIS B 184 3.63 5.48 -10.76
N SER B 185 4.51 4.71 -11.40
CA SER B 185 5.70 4.16 -10.77
C SER B 185 6.72 5.23 -10.38
N ALA B 186 6.56 6.46 -10.89
CA ALA B 186 7.43 7.59 -10.54
C ALA B 186 7.50 7.79 -9.03
N GLU B 197 -1.27 12.14 -17.17
CA GLU B 197 -2.18 13.11 -17.80
C GLU B 197 -3.65 12.65 -17.67
N LEU B 198 -4.44 13.33 -16.80
CA LEU B 198 -5.73 12.83 -16.30
C LEU B 198 -6.86 13.83 -16.51
N VAL B 199 -8.08 13.32 -16.74
CA VAL B 199 -9.27 14.16 -16.94
C VAL B 199 -10.52 13.49 -16.40
N VAL B 200 -11.15 14.11 -15.41
CA VAL B 200 -12.40 13.58 -14.84
C VAL B 200 -13.54 14.50 -15.25
N THR B 201 -14.68 13.89 -15.49
CA THR B 201 -15.81 14.58 -16.09
C THR B 201 -17.07 14.23 -15.33
N CYS B 202 -18.10 15.11 -15.50
CA CYS B 202 -19.34 15.20 -14.75
C CYS B 202 -20.45 14.40 -15.43
N PRO B 203 -21.48 13.98 -14.68
CA PRO B 203 -22.65 13.33 -15.28
C PRO B 203 -23.68 14.35 -15.77
N SER B 204 -24.76 13.82 -16.37
CA SER B 204 -25.81 14.65 -16.97
C SER B 204 -25.19 15.68 -17.89
N GLU B 205 -25.67 16.93 -17.87
CA GLU B 205 -24.84 18.00 -18.38
C GLU B 205 -23.73 18.21 -17.36
N GLY B 206 -24.07 18.70 -16.18
CA GLY B 206 -23.10 18.76 -15.11
C GLY B 206 -22.07 19.85 -15.25
N THR B 207 -21.89 20.65 -14.22
CA THR B 207 -20.89 21.71 -14.24
C THR B 207 -20.07 21.61 -12.96
N ILE B 208 -18.76 21.91 -13.05
CA ILE B 208 -17.92 21.99 -11.85
C ILE B 208 -18.55 23.05 -10.94
N LEU B 209 -19.04 22.62 -9.78
CA LEU B 209 -19.49 23.53 -8.75
C LEU B 209 -18.33 24.12 -7.98
N THR B 210 -17.34 23.27 -7.67
CA THR B 210 -16.18 23.59 -6.85
C THR B 210 -15.27 22.35 -6.86
N GLY B 211 -13.97 22.57 -7.03
CA GLY B 211 -13.11 21.39 -7.08
C GLY B 211 -11.65 21.77 -7.14
N PHE B 212 -10.81 20.73 -6.97
CA PHE B 212 -9.36 20.86 -6.92
C PHE B 212 -8.65 19.73 -7.67
N TYR B 213 -7.44 20.03 -8.17
CA TYR B 213 -6.58 19.10 -8.91
C TYR B 213 -5.18 19.15 -8.32
N GLY B 214 -4.43 18.06 -8.50
CA GLY B 214 -3.03 18.10 -8.09
C GLY B 214 -2.26 16.80 -8.28
N GLU B 215 -1.03 16.85 -7.78
CA GLU B 215 -0.04 15.78 -7.86
C GLU B 215 0.60 15.60 -6.48
N THR B 216 0.65 14.34 -6.01
CA THR B 216 1.23 13.95 -4.73
C THR B 216 2.48 13.12 -4.97
N HIS B 217 3.48 13.33 -4.12
CA HIS B 217 4.70 12.56 -4.17
C HIS B 217 4.96 11.89 -2.82
N THR B 218 5.72 10.80 -2.88
CA THR B 218 6.23 10.15 -1.67
C THR B 218 7.70 10.44 -1.41
N SER B 219 8.22 11.56 -1.92
CA SER B 219 9.53 12.08 -1.52
C SER B 219 9.57 13.59 -1.74
N SER B 220 10.51 14.25 -1.04
CA SER B 220 10.52 15.71 -0.91
C SER B 220 10.82 16.41 -2.24
N PRO B 221 9.83 17.04 -2.87
CA PRO B 221 9.89 17.72 -4.18
C PRO B 221 10.87 18.88 -4.24
N THR B 224 7.28 24.07 -6.51
CA THR B 224 6.93 23.70 -7.88
C THR B 224 5.60 22.92 -8.00
N VAL B 225 5.42 21.87 -7.21
CA VAL B 225 4.39 20.84 -7.40
C VAL B 225 3.02 21.41 -7.83
N PRO B 226 2.27 20.70 -8.70
CA PRO B 226 0.96 21.19 -9.18
C PRO B 226 -0.15 21.01 -8.15
N PHE B 227 -0.87 22.11 -7.86
CA PHE B 227 -2.05 22.03 -7.00
C PHE B 227 -2.93 23.26 -7.22
N GLY B 228 -4.13 23.07 -7.78
CA GLY B 228 -4.91 24.22 -8.22
C GLY B 228 -6.41 24.04 -8.19
N LYS B 229 -7.10 25.11 -8.55
CA LYS B 229 -8.55 25.10 -8.50
C LYS B 229 -9.13 24.67 -9.83
N CYS B 230 -10.16 23.83 -9.75
CA CYS B 230 -10.98 23.51 -10.91
C CYS B 230 -11.74 24.77 -11.31
N ALA B 231 -11.59 25.20 -12.55
CA ALA B 231 -12.34 26.34 -13.05
C ALA B 231 -13.82 26.07 -12.89
N LYS B 232 -14.53 27.04 -12.32
CA LYS B 232 -15.94 26.87 -12.03
C LYS B 232 -16.74 26.78 -13.31
N SER B 233 -17.84 26.01 -13.26
CA SER B 233 -18.86 25.94 -14.29
C SER B 233 -18.41 25.16 -15.54
N LEU B 234 -17.18 24.65 -15.58
CA LEU B 234 -16.64 23.92 -16.72
C LEU B 234 -17.13 22.48 -16.71
N LYS B 235 -17.12 21.85 -17.89
CA LYS B 235 -17.69 20.50 -17.96
C LYS B 235 -16.84 19.47 -17.20
N ALA B 236 -15.56 19.72 -17.01
CA ALA B 236 -14.71 18.71 -16.40
C ALA B 236 -13.55 19.38 -15.67
N CYS B 237 -12.59 18.57 -15.22
CA CYS B 237 -11.37 19.03 -14.57
C CYS B 237 -10.20 18.13 -15.03
N SER B 238 -8.99 18.69 -14.97
CA SER B 238 -7.86 18.15 -15.73
C SER B 238 -6.54 18.32 -14.96
N VAL B 239 -5.61 17.35 -15.09
CA VAL B 239 -4.27 17.43 -14.52
C VAL B 239 -3.29 16.89 -15.57
N HIS B 240 -2.01 17.31 -15.48
CA HIS B 240 -0.92 16.79 -16.33
C HIS B 240 0.26 16.28 -15.52
N GLY B 241 1.20 15.65 -16.21
CA GLY B 241 2.36 15.12 -15.54
C GLY B 241 3.67 15.82 -15.83
N SER B 242 3.97 16.86 -15.06
CA SER B 242 5.31 17.50 -15.07
C SER B 242 5.71 17.76 -13.62
N ILE B 248 11.92 3.58 -5.80
CA ILE B 248 11.32 2.58 -6.69
C ILE B 248 9.86 2.25 -6.30
N HIS B 249 9.64 2.04 -5.00
CA HIS B 249 8.32 1.82 -4.44
C HIS B 249 7.53 3.11 -4.25
N ASN B 250 8.14 4.25 -4.51
CA ASN B 250 7.54 5.53 -4.15
C ASN B 250 6.62 5.91 -5.31
N TYR B 251 5.32 5.77 -5.13
CA TYR B 251 4.40 6.02 -6.22
C TYR B 251 4.03 7.50 -6.29
N ARG B 252 3.53 7.91 -7.45
CA ARG B 252 3.14 9.28 -7.73
C ARG B 252 1.65 9.33 -8.08
N THR B 253 0.91 10.29 -7.51
CA THR B 253 -0.55 10.27 -7.55
C THR B 253 -1.13 11.55 -8.16
N LEU B 254 -1.77 11.44 -9.33
CA LEU B 254 -2.49 12.54 -9.93
C LEU B 254 -3.96 12.44 -9.57
N PHE B 255 -4.60 13.58 -9.39
CA PHE B 255 -5.98 13.52 -8.90
C PHE B 255 -6.78 14.77 -9.26
N THR B 256 -8.06 14.55 -9.50
CA THR B 256 -9.06 15.60 -9.58
C THR B 256 -10.25 15.19 -8.70
N VAL B 257 -10.82 16.17 -8.00
CA VAL B 257 -11.93 15.94 -7.06
C VAL B 257 -12.83 17.18 -7.08
N ALA B 258 -14.11 16.99 -7.41
CA ALA B 258 -14.97 18.15 -7.61
C ALA B 258 -16.41 17.78 -7.28
N LEU B 259 -17.26 18.78 -7.41
CA LEU B 259 -18.69 18.65 -7.23
C LEU B 259 -19.36 19.07 -8.53
N CYS B 260 -20.46 18.41 -8.87
CA CYS B 260 -21.17 18.65 -10.14
C CYS B 260 -22.68 18.68 -9.88
N LYS B 261 -23.42 19.23 -10.83
CA LYS B 261 -24.87 19.27 -10.72
C LYS B 261 -25.53 18.81 -12.01
N ASN B 262 -26.64 18.07 -11.88
CA ASN B 262 -27.20 17.25 -12.95
C ASN B 262 -28.29 18.01 -13.72
N ASN B 263 -27.85 18.97 -14.53
CA ASN B 263 -28.76 19.85 -15.26
C ASN B 263 -29.63 19.13 -16.30
#